data_2J5U
#
_entry.id   2J5U
#
_cell.length_a   162.954
_cell.length_b   162.954
_cell.length_c   95.391
_cell.angle_alpha   90.00
_cell.angle_beta   90.00
_cell.angle_gamma   120.00
#
_symmetry.space_group_name_H-M   'P 6 2 2'
#
_entity_poly.entity_id   1
_entity_poly.type   'polypeptide(L)'
_entity_poly.pdbx_seq_one_letter_code
;MNIVAKPTSFISGAVDGVVDLKNTYTENQHLKERLEELAQLESEVADLKKENKDLKESLDITDSIRDYDPLNASVISRNP
TNWNDQVEIDKGSSDGVKPDMAVTTPSGLIGKVTTTGAKSATVELLTSSDVKNRVSAKVQGKENAFGIINGYDSDTKLLE
LKQLPYDMKFKKGQKVVTSGLGGKFPAGIFIGTIEKVETDKMGLSQTAFIKPGADMYDLNHVTVLKRSAEAGTTDDDTTS
SDTTGGQGSHHHHHH
;
_entity_poly.pdbx_strand_id   A,B
#
# COMPACT_ATOMS: atom_id res chain seq x y z
N THR A 26 -28.50 -24.73 -19.41
CA THR A 26 -27.86 -23.55 -18.77
C THR A 26 -26.75 -23.98 -17.82
N GLU A 27 -26.91 -25.16 -17.22
CA GLU A 27 -25.93 -25.69 -16.28
C GLU A 27 -24.65 -26.19 -16.97
N ASN A 28 -24.57 -25.97 -18.28
CA ASN A 28 -23.41 -26.36 -19.07
C ASN A 28 -23.31 -25.52 -20.34
N GLN A 29 -24.24 -24.58 -20.47
CA GLN A 29 -24.26 -23.68 -21.62
C GLN A 29 -23.31 -22.53 -21.40
N HIS A 30 -23.11 -22.17 -20.13
CA HIS A 30 -22.23 -21.07 -19.79
C HIS A 30 -21.01 -21.50 -19.00
N LEU A 31 -21.14 -22.50 -18.14
CA LEU A 31 -20.00 -22.96 -17.35
C LEU A 31 -18.94 -23.63 -18.22
N LYS A 32 -19.26 -23.85 -19.49
CA LYS A 32 -18.31 -24.46 -20.41
C LYS A 32 -17.32 -23.38 -20.81
N GLU A 33 -17.85 -22.17 -21.02
CA GLU A 33 -17.05 -21.02 -21.40
C GLU A 33 -16.49 -20.36 -20.15
N ARG A 34 -16.96 -20.82 -18.98
CA ARG A 34 -16.50 -20.27 -17.72
C ARG A 34 -15.51 -21.13 -16.96
N LEU A 35 -15.93 -22.29 -16.49
CA LEU A 35 -15.01 -23.16 -15.75
C LEU A 35 -13.74 -23.38 -16.58
N GLU A 36 -13.85 -23.09 -17.88
CA GLU A 36 -12.74 -23.24 -18.80
C GLU A 36 -11.91 -21.96 -18.79
N GLU A 37 -12.59 -20.83 -18.99
CA GLU A 37 -11.96 -19.52 -19.01
C GLU A 37 -11.52 -19.15 -17.59
N LEU A 38 -11.95 -19.96 -16.62
CA LEU A 38 -11.60 -19.74 -15.22
C LEU A 38 -10.20 -20.31 -15.01
N ALA A 39 -9.98 -21.54 -15.47
CA ALA A 39 -8.69 -22.18 -15.35
C ALA A 39 -7.70 -21.31 -16.12
N GLN A 40 -8.26 -20.50 -17.03
CA GLN A 40 -7.48 -19.58 -17.84
C GLN A 40 -6.73 -18.64 -16.90
N LEU A 41 -7.48 -17.97 -16.03
CA LEU A 41 -6.88 -17.05 -15.06
C LEU A 41 -6.07 -17.80 -14.03
N GLU A 42 -6.51 -19.01 -13.69
CA GLU A 42 -5.79 -19.80 -12.69
C GLU A 42 -4.34 -20.09 -13.07
N SER A 43 -4.09 -20.45 -14.32
CA SER A 43 -2.72 -20.74 -14.73
C SER A 43 -1.94 -19.44 -14.93
N GLU A 44 -2.63 -18.40 -15.40
CA GLU A 44 -1.97 -17.12 -15.60
C GLU A 44 -1.41 -16.66 -14.26
N VAL A 45 -2.25 -16.77 -13.23
CA VAL A 45 -1.85 -16.39 -11.88
C VAL A 45 -0.63 -17.21 -11.50
N ALA A 46 -0.82 -18.52 -11.34
CA ALA A 46 0.26 -19.44 -10.98
C ALA A 46 1.60 -19.06 -11.59
N ASP A 47 1.58 -18.62 -12.84
CA ASP A 47 2.82 -18.24 -13.52
C ASP A 47 3.36 -16.95 -12.92
N LEU A 48 2.50 -15.93 -12.84
CA LEU A 48 2.86 -14.64 -12.26
C LEU A 48 3.34 -14.90 -10.84
N LYS A 49 2.53 -15.66 -10.12
CA LYS A 49 2.79 -16.02 -8.74
C LYS A 49 4.16 -16.67 -8.58
N LYS A 50 4.57 -17.48 -9.54
CA LYS A 50 5.87 -18.12 -9.45
C LYS A 50 6.98 -17.11 -9.72
N GLU A 51 6.78 -16.34 -10.80
CA GLU A 51 7.73 -15.31 -11.21
C GLU A 51 7.96 -14.35 -10.05
N ASN A 52 6.85 -13.92 -9.45
CA ASN A 52 6.88 -13.01 -8.31
C ASN A 52 7.74 -13.61 -7.19
N LYS A 53 7.59 -14.92 -6.98
CA LYS A 53 8.34 -15.62 -5.93
C LYS A 53 9.84 -15.58 -6.25
N ASP A 54 10.19 -15.78 -7.51
CA ASP A 54 11.60 -15.75 -7.89
C ASP A 54 12.19 -14.38 -7.68
N LEU A 55 11.49 -13.35 -8.15
CA LEU A 55 11.93 -11.98 -7.99
C LEU A 55 12.22 -11.66 -6.53
N LYS A 56 11.27 -11.96 -5.66
CA LYS A 56 11.43 -11.69 -4.23
C LYS A 56 12.60 -12.47 -3.65
N GLU A 57 12.96 -13.58 -4.30
CA GLU A 57 14.08 -14.39 -3.85
C GLU A 57 15.39 -13.77 -4.35
N SER A 58 15.34 -13.18 -5.55
CA SER A 58 16.50 -12.52 -6.16
C SER A 58 16.89 -11.33 -5.29
N LEU A 59 15.87 -10.63 -4.80
CA LEU A 59 16.05 -9.50 -3.90
C LEU A 59 15.92 -10.19 -2.55
N ASP A 60 16.28 -9.54 -1.46
CA ASP A 60 16.15 -10.24 -0.17
C ASP A 60 14.79 -9.94 0.47
N ILE A 61 13.73 -10.39 -0.18
CA ILE A 61 12.39 -10.11 0.31
C ILE A 61 11.65 -11.29 0.92
N THR A 62 11.45 -11.22 2.22
CA THR A 62 10.75 -12.26 2.95
C THR A 62 9.49 -11.65 3.57
N ASP A 63 8.49 -12.51 3.78
CA ASP A 63 7.24 -12.09 4.39
C ASP A 63 6.74 -10.78 3.84
N SER A 64 6.48 -10.75 2.54
CA SER A 64 5.98 -9.54 1.89
C SER A 64 4.57 -9.25 2.41
N ILE A 65 4.07 -8.10 2.04
CA ILE A 65 2.76 -7.65 2.46
C ILE A 65 1.60 -8.56 2.04
N ARG A 66 1.80 -9.43 1.04
CA ARG A 66 0.67 -10.29 0.63
C ARG A 66 0.66 -11.72 1.15
N ASP A 67 1.72 -12.14 1.82
CA ASP A 67 1.76 -13.52 2.31
C ASP A 67 0.90 -13.81 3.53
N TYR A 68 0.46 -15.05 3.66
CA TYR A 68 -0.37 -15.45 4.80
C TYR A 68 -0.58 -16.96 4.93
N ASP A 69 -0.91 -17.40 6.14
CA ASP A 69 -1.20 -18.80 6.45
C ASP A 69 -2.69 -18.89 6.71
N PRO A 70 -3.42 -19.64 5.88
CA PRO A 70 -4.88 -19.76 6.08
C PRO A 70 -5.29 -20.90 7.01
N LEU A 71 -6.49 -20.78 7.59
CA LEU A 71 -7.03 -21.82 8.46
C LEU A 71 -8.51 -21.92 8.13
N ASN A 72 -8.97 -23.13 7.86
CA ASN A 72 -10.37 -23.32 7.52
C ASN A 72 -11.23 -23.42 8.77
N ALA A 73 -12.46 -22.92 8.68
CA ALA A 73 -13.36 -22.97 9.81
C ALA A 73 -14.82 -22.89 9.40
N SER A 74 -15.71 -23.25 10.33
CA SER A 74 -17.12 -23.21 10.04
C SER A 74 -17.86 -22.34 11.04
N VAL A 75 -18.91 -21.69 10.56
CA VAL A 75 -19.73 -20.87 11.42
C VAL A 75 -20.50 -21.87 12.28
N ILE A 76 -20.41 -21.75 13.61
CA ILE A 76 -21.16 -22.66 14.47
C ILE A 76 -22.34 -21.99 15.18
N SER A 77 -22.52 -20.69 15.01
CA SER A 77 -23.63 -20.00 15.66
C SER A 77 -23.83 -18.59 15.15
N ARG A 78 -25.08 -18.21 14.96
CA ARG A 78 -25.41 -16.88 14.47
C ARG A 78 -26.80 -16.54 15.00
N ASN A 79 -26.90 -15.41 15.68
CA ASN A 79 -28.15 -15.00 16.28
C ASN A 79 -28.91 -14.06 15.39
N PRO A 80 -30.19 -14.36 15.11
CA PRO A 80 -30.96 -13.46 14.25
C PRO A 80 -31.05 -12.04 14.82
N THR A 81 -31.00 -11.91 16.13
CA THR A 81 -31.07 -10.57 16.74
C THR A 81 -29.96 -9.66 16.20
N ASN A 82 -28.76 -10.21 15.98
CA ASN A 82 -27.64 -9.43 15.47
C ASN A 82 -26.96 -10.16 14.30
N TRP A 83 -27.80 -10.72 13.45
CA TRP A 83 -27.40 -11.47 12.27
C TRP A 83 -26.30 -10.85 11.41
N ASN A 84 -26.42 -9.56 11.14
CA ASN A 84 -25.44 -8.88 10.31
C ASN A 84 -24.23 -8.31 11.01
N ASP A 85 -24.15 -8.50 12.31
CA ASP A 85 -23.04 -7.97 13.06
C ASP A 85 -21.96 -8.98 13.35
N GLN A 86 -22.38 -10.20 13.63
CA GLN A 86 -21.44 -11.15 14.11
C GLN A 86 -21.74 -12.61 13.82
N VAL A 87 -20.71 -13.42 13.92
CA VAL A 87 -20.80 -14.82 13.65
C VAL A 87 -19.76 -15.52 14.54
N GLU A 88 -19.98 -16.80 14.84
CA GLU A 88 -19.04 -17.54 15.67
C GLU A 88 -18.45 -18.73 14.91
N ILE A 89 -17.13 -18.91 14.99
CA ILE A 89 -16.51 -20.02 14.28
C ILE A 89 -15.93 -21.07 15.21
N ASP A 90 -15.75 -22.29 14.68
CA ASP A 90 -15.26 -23.42 15.45
C ASP A 90 -13.74 -23.53 15.63
N LYS A 91 -13.03 -22.43 15.41
CA LYS A 91 -11.59 -22.44 15.60
C LYS A 91 -11.26 -21.30 16.55
N GLY A 92 -10.26 -21.51 17.40
CA GLY A 92 -9.88 -20.48 18.34
C GLY A 92 -8.41 -20.38 18.67
N SER A 93 -8.13 -19.84 19.85
CA SER A 93 -6.79 -19.64 20.35
C SER A 93 -5.87 -20.83 20.16
N SER A 94 -6.31 -22.00 20.59
CA SER A 94 -5.46 -23.18 20.47
C SER A 94 -5.26 -23.63 19.03
N ASP A 95 -5.97 -23.03 18.10
CA ASP A 95 -5.84 -23.36 16.69
C ASP A 95 -5.02 -22.28 16.01
N GLY A 96 -4.59 -21.29 16.79
CA GLY A 96 -3.78 -20.22 16.24
C GLY A 96 -4.54 -18.94 15.92
N VAL A 97 -5.86 -18.98 16.07
CA VAL A 97 -6.67 -17.81 15.78
C VAL A 97 -6.40 -16.69 16.79
N LYS A 98 -6.27 -15.48 16.27
CA LYS A 98 -6.01 -14.31 17.09
C LYS A 98 -6.86 -13.13 16.67
N PRO A 99 -7.20 -12.25 17.62
CA PRO A 99 -8.01 -11.06 17.34
C PRO A 99 -7.35 -10.25 16.22
N ASP A 100 -8.16 -9.70 15.33
CA ASP A 100 -7.70 -8.87 14.21
C ASP A 100 -7.27 -9.61 12.96
N MET A 101 -7.38 -10.94 12.96
CA MET A 101 -7.06 -11.72 11.77
C MET A 101 -8.23 -11.56 10.79
N ALA A 102 -7.94 -11.53 9.49
CA ALA A 102 -8.98 -11.39 8.49
C ALA A 102 -9.71 -12.72 8.29
N VAL A 103 -10.99 -12.64 7.99
CA VAL A 103 -11.77 -13.85 7.76
C VAL A 103 -12.38 -13.69 6.40
N THR A 104 -12.22 -14.72 5.56
CA THR A 104 -12.73 -14.68 4.18
C THR A 104 -13.41 -15.95 3.71
N THR A 105 -13.91 -15.86 2.49
CA THR A 105 -14.54 -16.97 1.79
C THR A 105 -13.97 -16.83 0.38
N PRO A 106 -14.19 -17.84 -0.48
CA PRO A 106 -13.68 -17.79 -1.85
C PRO A 106 -14.04 -16.51 -2.62
N SER A 107 -15.28 -16.05 -2.51
CA SER A 107 -15.68 -14.86 -3.23
C SER A 107 -15.40 -13.53 -2.55
N GLY A 108 -14.61 -13.53 -1.47
CA GLY A 108 -14.31 -12.26 -0.81
C GLY A 108 -14.08 -12.20 0.69
N LEU A 109 -13.79 -10.99 1.15
CA LEU A 109 -13.54 -10.70 2.56
C LEU A 109 -14.88 -10.64 3.32
N ILE A 110 -14.97 -11.26 4.48
CA ILE A 110 -16.23 -11.17 5.23
C ILE A 110 -16.09 -10.54 6.62
N GLY A 111 -14.88 -10.41 7.13
CA GLY A 111 -14.75 -9.79 8.43
C GLY A 111 -13.42 -9.97 9.11
N LYS A 112 -13.40 -9.77 10.43
CA LYS A 112 -12.19 -9.93 11.20
C LYS A 112 -12.48 -10.53 12.55
N VAL A 113 -11.51 -11.25 13.09
CA VAL A 113 -11.68 -11.87 14.38
C VAL A 113 -11.70 -10.80 15.47
N THR A 114 -12.65 -10.88 16.39
CA THR A 114 -12.69 -9.90 17.45
C THR A 114 -12.30 -10.47 18.80
N THR A 115 -13.01 -11.49 19.27
CA THR A 115 -12.64 -12.09 20.55
C THR A 115 -12.43 -13.57 20.37
N THR A 116 -11.43 -14.11 21.06
CA THR A 116 -11.13 -15.51 20.91
C THR A 116 -11.15 -16.26 22.21
N GLY A 117 -11.62 -17.51 22.12
CA GLY A 117 -11.66 -18.38 23.27
C GLY A 117 -10.68 -19.49 22.94
N ALA A 118 -10.67 -20.58 23.69
CA ALA A 118 -9.73 -21.65 23.42
C ALA A 118 -10.02 -22.37 22.12
N LYS A 119 -11.28 -22.72 21.90
CA LYS A 119 -11.65 -23.46 20.71
C LYS A 119 -12.69 -22.83 19.80
N SER A 120 -12.95 -21.54 19.98
CA SER A 120 -13.93 -20.88 19.13
C SER A 120 -13.63 -19.41 19.17
N ALA A 121 -14.25 -18.64 18.28
CA ALA A 121 -14.01 -17.21 18.25
C ALA A 121 -15.14 -16.45 17.57
N THR A 122 -15.21 -15.15 17.86
CA THR A 122 -16.22 -14.28 17.31
C THR A 122 -15.60 -13.48 16.18
N VAL A 123 -16.34 -13.30 15.08
CA VAL A 123 -15.82 -12.49 14.00
C VAL A 123 -16.87 -11.45 13.62
N GLU A 124 -16.41 -10.21 13.50
CA GLU A 124 -17.25 -9.09 13.16
C GLU A 124 -17.30 -8.99 11.65
N LEU A 125 -18.52 -9.01 11.11
CA LEU A 125 -18.74 -8.94 9.67
C LEU A 125 -18.67 -7.55 9.07
N LEU A 126 -18.36 -7.47 7.78
CA LEU A 126 -18.28 -6.18 7.11
C LEU A 126 -19.61 -5.48 7.25
N THR A 127 -20.70 -6.25 7.19
CA THR A 127 -22.04 -5.69 7.29
C THR A 127 -22.42 -5.20 8.70
N SER A 128 -21.49 -5.29 9.64
CA SER A 128 -21.74 -4.86 11.01
C SER A 128 -22.25 -3.43 11.14
N SER A 129 -23.01 -3.18 12.20
CA SER A 129 -23.54 -1.85 12.46
C SER A 129 -22.62 -1.02 13.35
N ASP A 130 -21.43 -1.53 13.65
CA ASP A 130 -20.47 -0.81 14.48
C ASP A 130 -19.80 0.27 13.66
N VAL A 131 -20.11 1.54 13.92
CA VAL A 131 -19.53 2.64 13.15
C VAL A 131 -17.99 2.73 13.20
N LYS A 132 -17.38 2.14 14.23
CA LYS A 132 -15.93 2.15 14.36
C LYS A 132 -15.27 1.09 13.47
N ASN A 133 -16.08 0.16 12.96
CA ASN A 133 -15.56 -0.92 12.13
C ASN A 133 -14.99 -0.40 10.81
N ARG A 134 -13.76 -0.81 10.49
CA ARG A 134 -13.13 -0.33 9.25
C ARG A 134 -12.02 -1.22 8.73
N VAL A 135 -11.68 -1.06 7.46
CA VAL A 135 -10.60 -1.83 6.86
C VAL A 135 -9.89 -0.98 5.80
N SER A 136 -8.56 -1.02 5.80
CA SER A 136 -7.74 -0.26 4.85
C SER A 136 -7.86 -0.93 3.48
N ALA A 137 -8.21 -0.16 2.47
CA ALA A 137 -8.38 -0.73 1.15
C ALA A 137 -7.73 0.04 0.02
N LYS A 138 -7.59 -0.67 -1.10
CA LYS A 138 -7.01 -0.14 -2.31
C LYS A 138 -7.94 -0.39 -3.49
N VAL A 139 -8.11 0.61 -4.34
CA VAL A 139 -8.94 0.48 -5.54
C VAL A 139 -7.97 0.25 -6.70
N GLN A 140 -8.05 -0.91 -7.33
CA GLN A 140 -7.16 -1.22 -8.44
C GLN A 140 -7.50 -0.39 -9.67
N GLY A 141 -6.48 0.15 -10.32
CA GLY A 141 -6.69 0.94 -11.52
C GLY A 141 -5.36 1.15 -12.20
N LYS A 142 -5.35 1.81 -13.34
CA LYS A 142 -4.09 2.06 -14.03
C LYS A 142 -3.21 2.73 -12.99
N GLU A 143 -3.85 3.39 -12.05
CA GLU A 143 -3.20 4.05 -10.94
C GLU A 143 -4.04 3.77 -9.71
N ASN A 144 -3.45 3.06 -8.76
CA ASN A 144 -4.12 2.70 -7.51
C ASN A 144 -4.45 3.88 -6.61
N ALA A 145 -5.49 3.72 -5.80
CA ALA A 145 -5.92 4.74 -4.85
C ALA A 145 -6.18 4.03 -3.53
N PHE A 146 -5.99 4.73 -2.42
CA PHE A 146 -6.19 4.13 -1.11
C PHE A 146 -7.29 4.81 -0.30
N GLY A 147 -7.93 4.05 0.55
CA GLY A 147 -9.00 4.61 1.36
C GLY A 147 -9.38 3.69 2.50
N ILE A 148 -10.42 4.07 3.23
CA ILE A 148 -10.89 3.27 4.34
C ILE A 148 -12.33 2.81 4.12
N ILE A 149 -12.56 1.50 4.22
CA ILE A 149 -13.92 1.01 4.09
C ILE A 149 -14.48 1.27 5.48
N ASN A 150 -15.63 1.92 5.56
CA ASN A 150 -16.18 2.24 6.86
C ASN A 150 -17.66 2.55 6.81
N GLY A 151 -18.49 1.54 7.02
CA GLY A 151 -19.93 1.76 6.98
C GLY A 151 -20.67 0.88 6.01
N TYR A 152 -21.76 0.28 6.48
CA TYR A 152 -22.58 -0.57 5.64
C TYR A 152 -24.02 -0.08 5.66
N ASP A 153 -24.66 -0.08 4.49
CA ASP A 153 -26.04 0.36 4.39
C ASP A 153 -26.91 -0.86 4.09
N SER A 154 -27.76 -1.21 5.05
CA SER A 154 -28.64 -2.37 4.96
C SER A 154 -29.56 -2.35 3.76
N ASP A 155 -30.00 -1.15 3.38
CA ASP A 155 -30.91 -0.97 2.26
C ASP A 155 -30.22 -1.13 0.91
N THR A 156 -29.20 -0.30 0.66
CA THR A 156 -28.47 -0.37 -0.61
C THR A 156 -27.54 -1.57 -0.68
N LYS A 157 -27.27 -2.20 0.47
CA LYS A 157 -26.38 -3.35 0.52
C LYS A 157 -24.96 -2.93 0.07
N LEU A 158 -24.60 -1.68 0.32
CA LEU A 158 -23.29 -1.16 -0.08
C LEU A 158 -22.34 -0.70 1.03
N LEU A 159 -21.06 -0.97 0.81
CA LEU A 159 -19.98 -0.60 1.70
C LEU A 159 -19.50 0.80 1.31
N GLU A 160 -19.12 1.61 2.29
CA GLU A 160 -18.63 2.96 2.03
C GLU A 160 -17.09 3.04 2.00
N LEU A 161 -16.54 3.44 0.86
CA LEU A 161 -15.09 3.58 0.72
C LEU A 161 -14.84 5.06 0.87
N LYS A 162 -14.30 5.48 2.00
CA LYS A 162 -14.06 6.90 2.25
C LYS A 162 -12.62 7.36 2.07
N GLN A 163 -12.47 8.63 1.77
CA GLN A 163 -11.16 9.26 1.62
C GLN A 163 -10.29 8.95 0.42
N LEU A 164 -10.90 8.81 -0.74
CA LEU A 164 -10.14 8.56 -1.95
C LEU A 164 -9.74 9.93 -2.46
N PRO A 165 -8.59 10.03 -3.13
CA PRO A 165 -8.11 11.31 -3.66
C PRO A 165 -9.19 11.99 -4.50
N TYR A 166 -9.38 13.29 -4.28
CA TYR A 166 -10.42 14.05 -4.98
C TYR A 166 -10.17 14.31 -6.46
N ASP A 167 -8.93 14.21 -6.91
CA ASP A 167 -8.63 14.48 -8.31
C ASP A 167 -8.51 13.25 -9.19
N MET A 168 -8.56 12.07 -8.57
CA MET A 168 -8.48 10.82 -9.31
C MET A 168 -9.90 10.49 -9.76
N LYS A 169 -10.07 9.80 -10.88
CA LYS A 169 -11.42 9.49 -11.33
C LYS A 169 -11.72 7.98 -11.29
N PHE A 170 -12.87 7.61 -10.73
CA PHE A 170 -13.23 6.21 -10.62
C PHE A 170 -14.40 5.81 -11.49
N LYS A 171 -14.36 4.56 -11.93
CA LYS A 171 -15.40 4.02 -12.80
C LYS A 171 -16.06 2.81 -12.17
N LYS A 172 -17.36 2.67 -12.39
CA LYS A 172 -18.11 1.55 -11.84
C LYS A 172 -17.52 0.23 -12.35
N GLY A 173 -17.13 -0.65 -11.43
CA GLY A 173 -16.58 -1.93 -11.84
C GLY A 173 -15.15 -2.19 -11.38
N GLN A 174 -14.50 -1.13 -10.91
CA GLN A 174 -13.13 -1.27 -10.43
C GLN A 174 -13.14 -2.14 -9.18
N LYS A 175 -12.14 -3.00 -9.06
CA LYS A 175 -12.05 -3.88 -7.92
C LYS A 175 -11.38 -3.21 -6.73
N VAL A 176 -11.87 -3.57 -5.55
CA VAL A 176 -11.35 -3.03 -4.30
C VAL A 176 -10.76 -4.19 -3.51
N VAL A 177 -9.55 -4.01 -3.01
CA VAL A 177 -8.89 -5.06 -2.24
C VAL A 177 -8.28 -4.49 -0.97
N THR A 178 -7.82 -5.38 -0.09
CA THR A 178 -7.21 -4.95 1.15
C THR A 178 -5.82 -4.42 0.85
N SER A 179 -5.46 -3.31 1.50
CA SER A 179 -4.15 -2.70 1.31
C SER A 179 -3.10 -3.22 2.28
N GLY A 180 -3.55 -3.76 3.41
CA GLY A 180 -2.65 -4.25 4.41
C GLY A 180 -2.07 -3.09 5.23
N LEU A 181 -2.35 -1.87 4.81
CA LEU A 181 -1.80 -0.70 5.45
C LEU A 181 -2.29 -0.39 6.85
N GLY A 182 -3.30 -1.13 7.30
CA GLY A 182 -3.82 -0.95 8.63
C GLY A 182 -2.99 -1.79 9.59
N GLY A 183 -2.08 -2.57 9.03
CA GLY A 183 -1.19 -3.40 9.83
C GLY A 183 -1.68 -4.76 10.29
N LYS A 184 -2.89 -5.16 9.93
CA LYS A 184 -3.37 -6.44 10.40
C LYS A 184 -3.90 -7.44 9.39
N PHE A 185 -4.14 -7.01 8.16
CA PHE A 185 -4.63 -7.94 7.15
C PHE A 185 -3.57 -8.08 6.08
N PRO A 186 -3.55 -9.21 5.35
CA PRO A 186 -2.55 -9.34 4.30
C PRO A 186 -3.18 -8.49 3.19
N ALA A 187 -2.38 -7.99 2.26
CA ALA A 187 -2.97 -7.19 1.20
C ALA A 187 -3.43 -8.08 0.05
N GLY A 188 -4.35 -7.58 -0.76
CA GLY A 188 -4.82 -8.34 -1.89
C GLY A 188 -6.10 -9.14 -1.73
N ILE A 189 -6.70 -9.14 -0.55
CA ILE A 189 -7.94 -9.89 -0.41
C ILE A 189 -9.04 -9.09 -1.10
N PHE A 190 -9.81 -9.75 -1.95
CA PHE A 190 -10.90 -9.07 -2.67
C PHE A 190 -12.02 -8.65 -1.72
N ILE A 191 -12.46 -7.41 -1.84
CA ILE A 191 -13.52 -6.90 -0.99
C ILE A 191 -14.82 -6.73 -1.78
N GLY A 192 -14.74 -6.04 -2.92
CA GLY A 192 -15.93 -5.83 -3.71
C GLY A 192 -15.72 -4.99 -4.95
N THR A 193 -16.80 -4.42 -5.46
CA THR A 193 -16.75 -3.61 -6.68
C THR A 193 -17.31 -2.22 -6.52
N ILE A 194 -16.65 -1.22 -7.11
CA ILE A 194 -17.18 0.13 -7.03
C ILE A 194 -18.50 0.07 -7.77
N GLU A 195 -19.52 0.67 -7.19
CA GLU A 195 -20.82 0.63 -7.80
C GLU A 195 -21.28 2.05 -8.06
N LYS A 196 -20.99 2.92 -7.12
CA LYS A 196 -21.40 4.32 -7.20
C LYS A 196 -20.25 5.18 -6.68
N VAL A 197 -20.14 6.41 -7.18
CA VAL A 197 -19.08 7.32 -6.75
C VAL A 197 -19.62 8.72 -6.54
N GLU A 198 -19.11 9.43 -5.54
CA GLU A 198 -19.57 10.78 -5.29
C GLU A 198 -18.53 11.57 -4.52
N THR A 199 -18.68 12.90 -4.55
CA THR A 199 -17.77 13.81 -3.85
C THR A 199 -18.41 14.19 -2.55
N ASP A 200 -17.62 14.36 -1.50
CA ASP A 200 -18.18 14.73 -0.21
C ASP A 200 -18.34 16.24 -0.10
N LYS A 201 -19.22 16.67 0.81
CA LYS A 201 -19.51 18.09 1.03
C LYS A 201 -18.30 19.01 1.03
N MET A 202 -17.29 18.68 1.83
CA MET A 202 -16.09 19.51 1.90
C MET A 202 -15.44 19.76 0.53
N GLY A 203 -15.45 18.73 -0.33
CA GLY A 203 -14.83 18.85 -1.63
C GLY A 203 -13.35 18.48 -1.54
N LEU A 204 -13.00 17.81 -0.45
CA LEU A 204 -11.61 17.38 -0.18
C LEU A 204 -11.29 15.97 -0.65
N SER A 205 -12.29 15.11 -0.74
CA SER A 205 -12.07 13.72 -1.14
C SER A 205 -13.30 13.15 -1.83
N GLN A 206 -13.22 11.88 -2.21
CA GLN A 206 -14.34 11.21 -2.85
C GLN A 206 -14.75 10.03 -2.00
N THR A 207 -15.93 9.49 -2.28
CA THR A 207 -16.42 8.34 -1.56
C THR A 207 -17.04 7.40 -2.57
N ALA A 208 -16.63 6.15 -2.54
CA ALA A 208 -17.20 5.18 -3.45
C ALA A 208 -18.07 4.23 -2.64
N PHE A 209 -19.11 3.71 -3.27
CA PHE A 209 -19.99 2.78 -2.60
C PHE A 209 -19.69 1.47 -3.27
N ILE A 210 -19.48 0.45 -2.44
CA ILE A 210 -19.06 -0.83 -2.96
C ILE A 210 -19.97 -2.01 -2.69
N LYS A 211 -20.07 -2.87 -3.70
CA LYS A 211 -20.87 -4.08 -3.62
C LYS A 211 -19.97 -5.22 -3.17
N PRO A 212 -20.13 -5.66 -1.91
CA PRO A 212 -19.27 -6.76 -1.45
C PRO A 212 -19.36 -7.94 -2.37
N GLY A 213 -18.22 -8.57 -2.62
CA GLY A 213 -18.18 -9.72 -3.50
C GLY A 213 -18.68 -10.96 -2.81
N ALA A 214 -18.39 -11.06 -1.52
CA ALA A 214 -18.83 -12.21 -0.76
C ALA A 214 -20.25 -11.98 -0.27
N ASP A 215 -21.07 -13.01 -0.30
CA ASP A 215 -22.44 -12.90 0.20
C ASP A 215 -22.37 -13.25 1.68
N MET A 216 -22.68 -12.30 2.54
CA MET A 216 -22.59 -12.57 3.96
C MET A 216 -23.91 -12.94 4.66
N TYR A 217 -24.99 -13.03 3.88
CA TYR A 217 -26.27 -13.39 4.47
C TYR A 217 -26.33 -14.85 4.89
N ASP A 218 -25.57 -15.69 4.24
CA ASP A 218 -25.58 -17.11 4.58
C ASP A 218 -24.13 -17.60 4.64
N LEU A 219 -23.57 -17.67 5.83
CA LEU A 219 -22.19 -18.10 5.96
C LEU A 219 -22.09 -19.47 6.59
N ASN A 220 -21.20 -20.30 6.06
CA ASN A 220 -20.98 -21.60 6.62
C ASN A 220 -19.49 -21.87 6.68
N HIS A 221 -18.90 -22.17 5.52
CA HIS A 221 -17.46 -22.42 5.47
C HIS A 221 -16.71 -21.11 5.31
N VAL A 222 -15.65 -20.97 6.09
CA VAL A 222 -14.90 -19.73 6.13
C VAL A 222 -13.40 -19.92 6.35
N THR A 223 -12.60 -18.92 6.03
CA THR A 223 -11.15 -19.01 6.22
C THR A 223 -10.48 -17.86 6.96
N VAL A 224 -9.77 -18.19 8.02
CA VAL A 224 -9.07 -17.19 8.82
C VAL A 224 -7.61 -17.07 8.34
N LEU A 225 -7.21 -15.85 7.99
CA LEU A 225 -5.86 -15.59 7.50
C LEU A 225 -4.89 -15.00 8.51
N LYS A 226 -3.78 -15.69 8.75
CA LYS A 226 -2.76 -15.17 9.64
C LYS A 226 -1.90 -14.31 8.71
N ARG A 227 -1.65 -13.06 9.08
CA ARG A 227 -0.83 -12.18 8.23
C ARG A 227 0.64 -12.48 8.45
N SER A 228 1.40 -12.61 7.37
CA SER A 228 2.83 -12.92 7.49
C SER A 228 3.65 -11.67 7.76
N ALA A 229 3.36 -10.62 7.02
CA ALA A 229 4.09 -9.38 7.19
C ALA A 229 4.07 -8.92 8.64
N GLU A 230 5.17 -8.29 9.05
CA GLU A 230 5.31 -7.76 10.39
C GLU A 230 4.11 -6.86 10.67
N ALA A 231 3.68 -6.80 11.92
CA ALA A 231 2.53 -5.99 12.29
C ALA A 231 2.88 -4.50 12.30
N GLY A 232 1.92 -3.68 11.91
CA GLY A 232 2.15 -2.24 11.88
C GLY A 232 1.52 -1.51 13.05
N THR A 233 2.26 -0.56 13.61
CA THR A 233 1.78 0.23 14.73
C THR A 233 1.30 1.64 14.35
N THR A 234 1.47 2.02 13.09
CA THR A 234 1.07 3.35 12.60
C THR A 234 -0.45 3.59 12.72
N ASP A 235 -1.18 2.60 13.23
CA ASP A 235 -2.63 2.72 13.41
C ASP A 235 -2.92 2.92 14.89
N ASP A 236 -2.40 3.91 15.47
N GLN B 29 -24.36 -27.98 -9.05
CA GLN B 29 -23.79 -27.50 -7.76
C GLN B 29 -22.62 -26.55 -7.98
N HIS B 30 -21.61 -27.03 -8.69
CA HIS B 30 -20.39 -26.26 -8.98
C HIS B 30 -20.67 -25.04 -9.85
N LEU B 31 -21.82 -24.41 -9.65
CA LEU B 31 -22.20 -23.23 -10.43
C LEU B 31 -21.82 -21.96 -9.65
N LYS B 32 -21.27 -22.14 -8.47
CA LYS B 32 -20.85 -21.02 -7.63
C LYS B 32 -19.46 -21.36 -7.09
N GLU B 33 -19.16 -22.66 -7.06
CA GLU B 33 -17.87 -23.16 -6.56
C GLU B 33 -16.70 -22.38 -7.12
N ARG B 34 -16.39 -22.60 -8.39
CA ARG B 34 -15.30 -21.90 -9.03
C ARG B 34 -15.80 -20.66 -9.76
N LEU B 35 -17.05 -20.30 -9.54
CA LEU B 35 -17.63 -19.13 -10.21
C LEU B 35 -17.45 -17.85 -9.40
N GLU B 36 -17.55 -17.96 -8.09
CA GLU B 36 -17.41 -16.80 -7.22
C GLU B 36 -15.97 -16.32 -7.08
N GLU B 37 -15.04 -17.26 -6.91
CA GLU B 37 -13.64 -16.91 -6.77
C GLU B 37 -13.03 -16.40 -8.07
N LEU B 38 -13.84 -15.65 -8.82
CA LEU B 38 -13.41 -15.09 -10.09
C LEU B 38 -12.79 -13.72 -9.88
N ALA B 39 -13.61 -12.80 -9.38
CA ALA B 39 -13.15 -11.44 -9.13
C ALA B 39 -11.88 -11.47 -8.28
N GLN B 40 -11.78 -12.48 -7.41
CA GLN B 40 -10.60 -12.61 -6.57
C GLN B 40 -9.39 -12.95 -7.44
N LEU B 41 -9.62 -13.75 -8.48
CA LEU B 41 -8.54 -14.14 -9.38
C LEU B 41 -8.09 -13.00 -10.27
N GLU B 42 -9.04 -12.25 -10.81
CA GLU B 42 -8.72 -11.12 -11.66
C GLU B 42 -7.90 -10.11 -10.84
N SER B 43 -8.18 -10.04 -9.54
CA SER B 43 -7.48 -9.14 -8.64
C SER B 43 -6.05 -9.61 -8.39
N GLU B 44 -5.87 -10.92 -8.30
CA GLU B 44 -4.53 -11.46 -8.08
C GLU B 44 -3.66 -11.13 -9.29
N VAL B 45 -4.24 -11.26 -10.47
CA VAL B 45 -3.54 -10.97 -11.70
C VAL B 45 -3.03 -9.54 -11.67
N ALA B 46 -3.96 -8.60 -11.56
CA ALA B 46 -3.62 -7.18 -11.53
C ALA B 46 -2.54 -6.86 -10.50
N ASP B 47 -2.72 -7.34 -9.28
CA ASP B 47 -1.75 -7.08 -8.21
C ASP B 47 -0.38 -7.69 -8.48
N LEU B 48 -0.36 -8.93 -8.97
CA LEU B 48 0.91 -9.58 -9.26
C LEU B 48 1.65 -8.87 -10.38
N LYS B 49 0.91 -8.46 -11.41
CA LYS B 49 1.52 -7.77 -12.52
C LYS B 49 2.28 -6.56 -12.02
N LYS B 50 1.59 -5.67 -11.30
CA LYS B 50 2.24 -4.47 -10.81
C LYS B 50 3.42 -4.79 -9.89
N GLU B 51 3.26 -5.76 -9.01
CA GLU B 51 4.35 -6.09 -8.09
C GLU B 51 5.54 -6.70 -8.82
N ASN B 52 5.27 -7.41 -9.90
CA ASN B 52 6.35 -8.01 -10.66
C ASN B 52 7.13 -6.93 -11.41
N LYS B 53 6.41 -6.03 -12.07
CA LYS B 53 7.04 -4.95 -12.80
C LYS B 53 7.95 -4.16 -11.87
N ASP B 54 7.40 -3.71 -10.76
CA ASP B 54 8.17 -2.93 -9.80
C ASP B 54 9.37 -3.72 -9.31
N LEU B 55 9.17 -5.01 -9.02
CA LEU B 55 10.25 -5.85 -8.53
C LEU B 55 11.36 -6.05 -9.56
N LYS B 56 10.97 -6.14 -10.84
CA LYS B 56 11.96 -6.28 -11.91
C LYS B 56 12.82 -5.02 -11.90
N GLU B 57 12.18 -3.87 -12.00
CA GLU B 57 12.88 -2.60 -11.97
C GLU B 57 13.89 -2.56 -10.85
N SER B 58 13.56 -3.17 -9.71
CA SER B 58 14.47 -3.21 -8.58
C SER B 58 15.72 -3.99 -8.89
N LEU B 59 15.58 -5.13 -9.57
CA LEU B 59 16.71 -5.97 -9.90
C LEU B 59 17.76 -5.31 -10.78
N ASP B 60 17.31 -4.58 -11.81
CA ASP B 60 18.22 -3.91 -12.73
C ASP B 60 19.18 -2.94 -12.08
N ILE B 61 18.64 -2.12 -11.19
CA ILE B 61 19.46 -1.12 -10.53
C ILE B 61 20.24 -1.72 -9.36
N THR B 62 20.16 -3.04 -9.19
CA THR B 62 20.84 -3.72 -8.07
C THR B 62 22.36 -3.50 -8.02
N ASP B 63 23.06 -4.02 -9.01
CA ASP B 63 24.52 -3.86 -9.06
C ASP B 63 24.82 -2.37 -9.16
N SER B 64 23.89 -1.64 -9.75
CA SER B 64 23.99 -0.20 -9.93
C SER B 64 24.23 0.55 -8.60
N ILE B 65 23.90 -0.10 -7.48
CA ILE B 65 24.07 0.53 -6.17
C ILE B 65 24.52 -0.48 -5.12
N ARG B 66 25.09 -1.58 -5.59
CA ARG B 66 25.56 -2.63 -4.71
C ARG B 66 26.52 -2.06 -3.66
N ASP B 67 27.18 -0.96 -4.01
CA ASP B 67 28.14 -0.32 -3.11
C ASP B 67 27.52 0.24 -1.84
N TYR B 68 26.33 0.81 -1.96
CA TYR B 68 25.66 1.40 -0.82
C TYR B 68 25.10 0.37 0.16
N ASP B 69 25.33 -0.90 -0.12
CA ASP B 69 24.85 -1.98 0.74
C ASP B 69 23.35 -1.84 0.96
N PRO B 70 22.56 -2.20 -0.05
CA PRO B 70 21.10 -2.13 -0.01
C PRO B 70 20.39 -3.17 0.83
N LEU B 71 19.26 -2.77 1.39
CA LEU B 71 18.43 -3.63 2.22
C LEU B 71 17.00 -3.44 1.69
N ASN B 72 16.44 -4.48 1.10
CA ASN B 72 15.09 -4.40 0.55
C ASN B 72 14.06 -4.60 1.64
N ALA B 73 13.07 -3.71 1.68
CA ALA B 73 12.02 -3.79 2.68
C ALA B 73 10.62 -3.55 2.10
N SER B 74 9.62 -3.91 2.88
CA SER B 74 8.22 -3.73 2.49
C SER B 74 7.57 -2.71 3.40
N VAL B 75 6.66 -1.91 2.84
CA VAL B 75 5.94 -0.96 3.66
C VAL B 75 4.91 -1.85 4.33
N ILE B 76 4.83 -1.81 5.65
CA ILE B 76 3.88 -2.66 6.34
C ILE B 76 2.79 -1.86 7.02
N SER B 77 2.89 -0.54 6.98
CA SER B 77 1.88 0.25 7.63
C SER B 77 1.89 1.72 7.22
N ARG B 78 0.72 2.29 7.04
CA ARG B 78 0.64 3.69 6.65
C ARG B 78 -0.70 4.18 7.13
N ASN B 79 -0.71 5.28 7.86
CA ASN B 79 -1.95 5.81 8.38
C ASN B 79 -2.49 6.92 7.49
N PRO B 80 -3.79 6.85 7.12
CA PRO B 80 -4.37 7.90 6.26
C PRO B 80 -4.30 9.30 6.87
N THR B 81 -4.22 9.37 8.18
CA THR B 81 -4.16 10.66 8.88
C THR B 81 -2.91 11.45 8.50
N ASN B 82 -1.76 10.76 8.51
CA ASN B 82 -0.48 11.40 8.17
C ASN B 82 0.15 10.69 6.97
N TRP B 83 -0.69 10.32 6.00
CA TRP B 83 -0.28 9.60 4.80
C TRP B 83 0.98 10.11 4.12
N ASN B 84 1.06 11.42 3.95
CA ASN B 84 2.21 12.04 3.29
C ASN B 84 3.45 12.24 4.13
N ASP B 85 3.34 12.07 5.45
CA ASP B 85 4.48 12.27 6.32
C ASP B 85 5.34 11.05 6.55
N GLN B 86 4.71 9.92 6.80
CA GLN B 86 5.51 8.74 7.06
C GLN B 86 4.94 7.41 6.61
N VAL B 87 5.79 6.40 6.73
CA VAL B 87 5.48 5.05 6.34
C VAL B 87 6.30 4.14 7.23
N GLU B 88 5.85 2.92 7.46
CA GLU B 88 6.57 1.99 8.31
C GLU B 88 7.08 0.79 7.50
N ILE B 89 8.35 0.42 7.69
CA ILE B 89 8.93 -0.69 6.95
C ILE B 89 9.26 -1.86 7.86
N ASP B 90 9.31 -3.06 7.28
CA ASP B 90 9.57 -4.29 8.02
C ASP B 90 11.04 -4.63 8.29
N LYS B 91 11.87 -3.60 8.41
CA LYS B 91 13.29 -3.81 8.71
C LYS B 91 13.66 -2.80 9.77
N GLY B 92 14.47 -3.22 10.73
CA GLY B 92 14.86 -2.31 11.79
C GLY B 92 16.23 -2.54 12.39
N SER B 93 16.34 -2.20 13.66
CA SER B 93 17.57 -2.33 14.44
C SER B 93 18.38 -3.58 14.09
N SER B 94 17.81 -4.74 14.40
CA SER B 94 18.46 -6.02 14.16
C SER B 94 18.79 -6.33 12.69
N ASP B 95 18.60 -5.36 11.80
CA ASP B 95 18.88 -5.58 10.37
C ASP B 95 19.91 -4.59 9.87
N GLY B 96 20.36 -3.73 10.78
CA GLY B 96 21.36 -2.75 10.41
C GLY B 96 20.72 -1.41 10.08
N VAL B 97 19.41 -1.33 10.23
CA VAL B 97 18.73 -0.08 9.94
C VAL B 97 18.96 0.89 11.07
N LYS B 98 19.45 2.07 10.74
CA LYS B 98 19.70 3.10 11.75
C LYS B 98 19.11 4.41 11.28
N PRO B 99 18.60 5.21 12.23
CA PRO B 99 18.02 6.50 11.84
C PRO B 99 18.93 7.34 10.93
N ASP B 100 18.30 8.10 10.04
CA ASP B 100 18.97 8.96 9.08
C ASP B 100 19.43 8.27 7.80
N MET B 101 19.28 6.96 7.70
CA MET B 101 19.68 6.26 6.49
C MET B 101 18.71 6.61 5.35
N ALA B 102 19.25 6.71 4.14
CA ALA B 102 18.42 7.03 2.99
C ALA B 102 17.50 5.88 2.61
N VAL B 103 16.30 6.21 2.13
CA VAL B 103 15.36 5.20 1.68
C VAL B 103 14.96 5.57 0.26
N THR B 104 15.00 4.61 -0.65
CA THR B 104 14.69 4.88 -2.06
C THR B 104 13.93 3.80 -2.80
N THR B 105 13.55 4.14 -4.04
CA THR B 105 12.85 3.24 -4.94
C THR B 105 13.60 3.41 -6.24
N PRO B 106 13.35 2.54 -7.22
CA PRO B 106 14.07 2.68 -8.49
C PRO B 106 13.93 4.05 -9.13
N SER B 107 12.77 4.66 -9.02
CA SER B 107 12.61 5.97 -9.64
C SER B 107 12.93 7.17 -8.77
N GLY B 108 13.50 6.96 -7.59
CA GLY B 108 13.84 8.11 -6.77
C GLY B 108 13.98 7.96 -5.27
N LEU B 109 14.49 9.01 -4.67
CA LEU B 109 14.68 9.08 -3.21
C LEU B 109 13.29 9.27 -2.60
N ILE B 110 12.96 8.57 -1.53
CA ILE B 110 11.64 8.77 -0.93
C ILE B 110 11.70 9.26 0.51
N GLY B 111 12.87 9.17 1.14
CA GLY B 111 12.96 9.63 2.50
C GLY B 111 14.14 9.12 3.28
N LYS B 112 14.03 9.23 4.60
CA LYS B 112 15.07 8.78 5.51
C LYS B 112 14.44 8.09 6.72
N VAL B 113 15.21 7.19 7.30
CA VAL B 113 14.75 6.46 8.48
C VAL B 113 14.76 7.38 9.69
N THR B 114 13.69 7.37 10.46
CA THR B 114 13.61 8.15 11.69
C THR B 114 13.69 7.16 12.85
N THR B 115 12.64 7.03 13.66
CA THR B 115 12.70 6.10 14.78
C THR B 115 12.83 4.63 14.33
N THR B 116 13.67 3.87 15.03
CA THR B 116 13.91 2.47 14.68
C THR B 116 13.53 1.54 15.82
N GLY B 117 13.02 0.36 15.46
CA GLY B 117 12.64 -0.63 16.44
C GLY B 117 13.46 -1.87 16.16
N ALA B 118 13.08 -2.98 16.78
CA ALA B 118 13.83 -4.21 16.59
C ALA B 118 13.69 -4.80 15.20
N LYS B 119 12.45 -5.04 14.78
CA LYS B 119 12.16 -5.65 13.48
C LYS B 119 11.49 -4.72 12.46
N SER B 120 11.36 -3.43 12.81
CA SER B 120 10.74 -2.48 11.92
C SER B 120 11.26 -1.06 12.13
N ALA B 121 10.74 -0.11 11.35
CA ALA B 121 11.16 1.27 11.46
C ALA B 121 10.24 2.22 10.72
N THR B 122 10.29 3.49 11.12
CA THR B 122 9.49 4.55 10.55
C THR B 122 10.34 5.32 9.54
N VAL B 123 9.74 5.69 8.41
CA VAL B 123 10.43 6.44 7.37
C VAL B 123 9.75 7.77 7.08
N GLU B 124 10.51 8.85 7.23
CA GLU B 124 10.00 10.21 7.00
C GLU B 124 10.08 10.43 5.49
N LEU B 125 8.95 10.78 4.88
CA LEU B 125 8.88 10.98 3.44
C LEU B 125 9.16 12.41 2.99
N LEU B 126 9.67 12.55 1.77
CA LEU B 126 9.96 13.87 1.22
C LEU B 126 8.69 14.70 1.16
N THR B 127 7.55 14.03 1.05
CA THR B 127 6.29 14.74 0.96
C THR B 127 5.79 15.17 2.33
N SER B 128 6.58 14.91 3.36
CA SER B 128 6.18 15.28 4.71
C SER B 128 5.85 16.75 4.88
N SER B 129 5.06 17.06 5.90
CA SER B 129 4.67 18.43 6.19
C SER B 129 5.54 19.03 7.29
N ASP B 130 6.39 18.19 7.89
CA ASP B 130 7.29 18.61 8.96
C ASP B 130 8.27 19.67 8.41
N VAL B 131 8.02 20.92 8.78
CA VAL B 131 8.83 22.03 8.29
C VAL B 131 10.35 21.92 8.56
N LYS B 132 10.75 21.07 9.50
CA LYS B 132 12.17 20.88 9.84
C LYS B 132 12.83 19.80 8.97
N ASN B 133 12.03 19.12 8.18
CA ASN B 133 12.53 18.05 7.32
C ASN B 133 13.38 18.65 6.19
N ARG B 134 14.62 18.20 6.07
CA ARG B 134 15.54 18.74 5.06
C ARG B 134 16.46 17.72 4.40
N VAL B 135 16.90 18.03 3.19
CA VAL B 135 17.82 17.17 2.48
C VAL B 135 18.71 18.03 1.63
N SER B 136 20.01 17.77 1.74
CA SER B 136 21.03 18.51 1.02
C SER B 136 21.04 18.04 -0.44
N ALA B 137 20.84 18.99 -1.34
CA ALA B 137 20.77 18.66 -2.75
C ALA B 137 21.70 19.44 -3.66
N LYS B 138 21.96 18.84 -4.82
CA LYS B 138 22.82 19.44 -5.83
C LYS B 138 22.13 19.38 -7.19
N VAL B 139 22.19 20.46 -7.95
CA VAL B 139 21.60 20.49 -9.29
C VAL B 139 22.69 20.15 -10.29
N GLN B 140 22.51 19.10 -11.07
CA GLN B 140 23.51 18.73 -12.05
C GLN B 140 23.43 19.70 -13.20
N GLY B 141 24.50 20.44 -13.44
CA GLY B 141 24.50 21.39 -14.53
C GLY B 141 25.92 21.72 -14.93
N LYS B 142 26.08 22.60 -15.92
CA LYS B 142 27.41 23.01 -16.37
C LYS B 142 28.16 23.31 -15.08
N GLU B 143 27.56 24.17 -14.28
CA GLU B 143 28.13 24.54 -13.00
C GLU B 143 27.23 23.91 -11.96
N ASN B 144 27.81 23.25 -10.96
CA ASN B 144 26.98 22.62 -9.96
C ASN B 144 26.65 23.53 -8.80
N ALA B 145 25.35 23.66 -8.57
CA ALA B 145 24.84 24.49 -7.51
C ALA B 145 24.24 23.63 -6.43
N PHE B 146 24.44 24.03 -5.18
CA PHE B 146 23.93 23.29 -4.05
C PHE B 146 22.75 24.04 -3.48
N GLY B 147 21.85 23.28 -2.86
CA GLY B 147 20.67 23.87 -2.26
C GLY B 147 20.10 22.89 -1.24
N ILE B 148 19.12 23.36 -0.47
CA ILE B 148 18.49 22.55 0.53
C ILE B 148 17.05 22.25 0.11
N ILE B 149 16.68 20.99 0.05
CA ILE B 149 15.30 20.67 -0.28
C ILE B 149 14.60 20.77 1.06
N ASN B 150 13.57 21.59 1.13
CA ASN B 150 12.89 21.78 2.39
C ASN B 150 11.47 22.30 2.20
N GLY B 151 10.53 21.40 1.96
CA GLY B 151 9.15 21.82 1.77
C GLY B 151 8.46 21.14 0.61
N TYR B 152 7.23 20.69 0.86
CA TYR B 152 6.43 20.02 -0.15
C TYR B 152 5.03 20.60 -0.18
N ASP B 153 4.56 20.91 -1.39
CA ASP B 153 3.23 21.48 -1.59
C ASP B 153 2.27 20.39 -2.08
N SER B 154 1.25 20.09 -1.26
CA SER B 154 0.26 19.06 -1.61
C SER B 154 -0.46 19.36 -2.91
N ASP B 155 -0.67 20.65 -3.20
CA ASP B 155 -1.36 21.07 -4.41
C ASP B 155 -0.55 20.94 -5.69
N THR B 156 0.56 21.66 -5.78
CA THR B 156 1.41 21.60 -6.98
C THR B 156 2.14 20.29 -7.05
N LYS B 157 2.26 19.62 -5.91
CA LYS B 157 2.98 18.34 -5.81
C LYS B 157 4.45 18.56 -6.18
N LEU B 158 5.00 19.67 -5.74
CA LEU B 158 6.39 20.01 -6.00
C LEU B 158 7.20 20.18 -4.71
N LEU B 159 8.47 19.81 -4.79
CA LEU B 159 9.42 19.91 -3.68
C LEU B 159 10.13 21.27 -3.77
N GLU B 160 10.31 21.94 -2.63
CA GLU B 160 11.01 23.25 -2.59
C GLU B 160 12.54 23.11 -2.45
N LEU B 161 13.28 23.58 -3.45
CA LEU B 161 14.75 23.54 -3.44
C LEU B 161 15.19 24.97 -3.13
N LYS B 162 15.51 25.24 -1.87
CA LYS B 162 15.93 26.59 -1.46
C LYS B 162 17.43 26.82 -1.52
N GLN B 163 17.80 28.10 -1.48
CA GLN B 163 19.20 28.53 -1.45
C GLN B 163 20.10 28.35 -2.66
N LEU B 164 19.59 28.41 -3.88
CA LEU B 164 20.51 28.23 -5.00
C LEU B 164 21.11 29.58 -5.34
N PRO B 165 22.36 29.58 -5.85
CA PRO B 165 23.05 30.81 -6.22
C PRO B 165 22.21 31.76 -7.09
N TYR B 166 21.99 32.95 -6.55
CA TYR B 166 21.20 34.00 -7.17
C TYR B 166 21.45 34.35 -8.63
N ASP B 167 22.69 34.25 -9.09
CA ASP B 167 22.95 34.64 -10.47
C ASP B 167 23.24 33.51 -11.42
N MET B 168 23.05 32.28 -10.96
CA MET B 168 23.27 31.13 -11.82
C MET B 168 21.93 30.91 -12.50
N LYS B 169 21.94 30.40 -13.72
CA LYS B 169 20.67 30.20 -14.39
C LYS B 169 20.30 28.73 -14.53
N PHE B 170 19.08 28.41 -14.14
CA PHE B 170 18.59 27.03 -14.21
C PHE B 170 17.47 26.86 -15.24
N LYS B 171 17.43 25.67 -15.84
CA LYS B 171 16.45 25.37 -16.87
C LYS B 171 15.55 24.19 -16.48
N LYS B 172 14.28 24.28 -16.88
CA LYS B 172 13.32 23.23 -16.60
C LYS B 172 13.89 21.92 -17.12
N GLY B 173 13.90 20.89 -16.29
CA GLY B 173 14.42 19.61 -16.71
C GLY B 173 15.75 19.20 -16.11
N GLN B 174 16.50 20.13 -15.53
CA GLN B 174 17.77 19.76 -14.92
C GLN B 174 17.49 18.80 -13.77
N LYS B 175 18.36 17.80 -13.65
CA LYS B 175 18.20 16.79 -12.61
C LYS B 175 18.80 17.20 -11.27
N VAL B 176 18.08 16.85 -10.21
CA VAL B 176 18.49 17.15 -8.85
C VAL B 176 18.77 15.86 -8.09
N VAL B 177 19.96 15.78 -7.51
CA VAL B 177 20.36 14.58 -6.76
C VAL B 177 20.81 15.00 -5.38
N THR B 178 21.05 14.03 -4.51
CA THR B 178 21.52 14.34 -3.16
C THR B 178 22.99 14.78 -3.23
N SER B 179 23.34 15.76 -2.39
CA SER B 179 24.68 16.28 -2.38
C SER B 179 25.65 15.47 -1.52
N GLY B 180 25.19 15.01 -0.37
CA GLY B 180 26.07 14.25 0.51
C GLY B 180 26.67 15.13 1.59
N LEU B 181 26.65 16.44 1.39
CA LEU B 181 27.18 17.38 2.37
C LEU B 181 26.41 17.28 3.69
N GLY B 182 26.92 16.50 4.63
CA GLY B 182 26.23 16.35 5.90
C GLY B 182 26.39 14.93 6.39
N GLY B 183 27.05 14.11 5.58
CA GLY B 183 27.29 12.73 5.92
C GLY B 183 26.08 11.81 5.91
N LYS B 184 24.89 12.38 6.11
CA LYS B 184 23.66 11.59 6.14
C LYS B 184 23.37 10.72 4.91
N PHE B 185 23.09 11.32 3.77
CA PHE B 185 22.79 10.51 2.59
C PHE B 185 23.96 10.36 1.67
N PRO B 186 24.01 9.27 0.91
CA PRO B 186 25.13 9.11 -0.02
C PRO B 186 24.85 10.16 -1.09
N ALA B 187 25.84 10.53 -1.87
CA ALA B 187 25.58 11.53 -2.91
C ALA B 187 25.19 10.81 -4.20
N GLY B 188 24.50 11.53 -5.09
CA GLY B 188 24.12 10.92 -6.34
C GLY B 188 22.71 10.34 -6.40
N ILE B 189 22.02 10.29 -5.26
CA ILE B 189 20.66 9.74 -5.30
C ILE B 189 19.76 10.71 -6.05
N PHE B 190 19.07 10.22 -7.08
CA PHE B 190 18.17 11.06 -7.85
C PHE B 190 16.99 11.53 -7.00
N ILE B 191 16.68 12.82 -7.07
CA ILE B 191 15.58 13.35 -6.27
C ILE B 191 14.39 13.75 -7.13
N GLY B 192 14.65 14.48 -8.19
CA GLY B 192 13.57 14.92 -9.04
C GLY B 192 14.05 15.84 -10.15
N THR B 193 13.11 16.58 -10.74
CA THR B 193 13.40 17.47 -11.86
C THR B 193 13.05 18.92 -11.62
N ILE B 194 13.84 19.85 -12.16
CA ILE B 194 13.50 21.24 -11.98
C ILE B 194 12.27 21.52 -12.83
N GLU B 195 11.22 22.02 -12.19
CA GLU B 195 9.99 22.32 -12.87
C GLU B 195 9.93 23.82 -13.10
N LYS B 196 9.87 24.57 -12.00
CA LYS B 196 9.84 26.04 -12.03
C LYS B 196 11.05 26.58 -11.28
N VAL B 197 11.35 27.85 -11.50
CA VAL B 197 12.45 28.53 -10.83
C VAL B 197 12.06 29.97 -10.58
N GLU B 198 12.36 30.48 -9.40
CA GLU B 198 12.03 31.86 -9.10
C GLU B 198 13.05 32.48 -8.15
N THR B 199 13.02 33.81 -8.06
CA THR B 199 13.91 34.55 -7.18
C THR B 199 13.13 34.91 -5.94
N ASP B 200 13.68 34.68 -4.76
CA ASP B 200 12.95 35.03 -3.55
C ASP B 200 13.03 36.53 -3.29
N LYS B 201 12.23 37.00 -2.33
CA LYS B 201 12.15 38.40 -1.95
C LYS B 201 13.51 39.08 -1.84
N MET B 202 14.27 38.67 -0.83
CA MET B 202 15.60 39.19 -0.53
C MET B 202 16.44 39.55 -1.76
N GLY B 203 16.43 38.70 -2.77
CA GLY B 203 17.23 38.97 -3.95
C GLY B 203 18.64 38.46 -3.68
N LEU B 204 18.72 37.44 -2.83
CA LEU B 204 19.99 36.82 -2.45
C LEU B 204 20.16 35.42 -3.02
N SER B 205 19.05 34.73 -3.22
CA SER B 205 19.08 33.36 -3.74
C SER B 205 17.90 33.04 -4.65
N GLN B 206 17.90 31.83 -5.20
CA GLN B 206 16.82 31.36 -6.05
C GLN B 206 16.22 30.11 -5.46
N THR B 207 14.96 29.86 -5.80
CA THR B 207 14.25 28.68 -5.35
C THR B 207 13.69 27.96 -6.56
N ALA B 208 13.98 26.68 -6.67
CA ALA B 208 13.45 25.90 -7.78
C ALA B 208 12.38 25.01 -7.19
N PHE B 209 11.38 24.67 -8.00
CA PHE B 209 10.35 23.76 -7.53
C PHE B 209 10.57 22.49 -8.30
N ILE B 210 10.61 21.40 -7.57
CA ILE B 210 10.94 20.12 -8.15
C ILE B 210 9.90 19.02 -8.15
N LYS B 211 9.84 18.33 -9.29
CA LYS B 211 8.93 17.22 -9.48
C LYS B 211 9.64 15.97 -9.03
N PRO B 212 9.24 15.41 -7.89
CA PRO B 212 9.92 14.19 -7.43
C PRO B 212 9.90 13.07 -8.45
N GLY B 213 10.99 12.34 -8.51
CA GLY B 213 11.09 11.25 -9.47
C GLY B 213 10.30 10.06 -9.02
N ALA B 214 10.43 9.73 -7.74
CA ALA B 214 9.72 8.60 -7.17
C ALA B 214 8.27 8.96 -6.88
N ASP B 215 7.39 7.97 -6.96
CA ASP B 215 5.98 8.17 -6.67
C ASP B 215 5.80 7.78 -5.22
N MET B 216 5.48 8.73 -4.37
CA MET B 216 5.35 8.39 -2.97
C MET B 216 3.94 8.13 -2.49
N TYR B 217 2.97 8.30 -3.38
CA TYR B 217 1.58 8.06 -3.03
C TYR B 217 1.32 6.57 -2.89
N ASP B 218 1.95 5.77 -3.74
CA ASP B 218 1.78 4.32 -3.72
C ASP B 218 3.11 3.63 -3.47
N LEU B 219 3.42 3.36 -2.20
CA LEU B 219 4.66 2.71 -1.81
C LEU B 219 4.42 1.30 -1.31
N ASN B 220 5.25 0.37 -1.77
CA ASN B 220 5.14 -1.00 -1.34
C ASN B 220 6.53 -1.51 -1.06
N HIS B 221 7.29 -1.73 -2.14
CA HIS B 221 8.66 -2.21 -2.01
C HIS B 221 9.59 -1.02 -1.92
N VAL B 222 10.53 -1.08 -0.99
CA VAL B 222 11.42 0.03 -0.77
C VAL B 222 12.86 -0.43 -0.47
N THR B 223 13.84 0.46 -0.66
CA THR B 223 15.23 0.10 -0.40
C THR B 223 15.97 1.00 0.59
N VAL B 224 16.57 0.39 1.61
CA VAL B 224 17.32 1.15 2.59
C VAL B 224 18.79 1.08 2.24
N LEU B 225 19.44 2.23 2.11
CA LEU B 225 20.86 2.28 1.79
C LEU B 225 21.60 2.38 3.13
N LYS B 226 22.20 1.26 3.53
CA LYS B 226 22.93 1.18 4.80
C LYS B 226 24.27 1.91 4.82
N ARG B 227 25.01 1.88 3.72
CA ARG B 227 26.30 2.56 3.68
C ARG B 227 26.44 3.60 2.58
N SER B 228 26.96 4.78 2.93
CA SER B 228 27.15 5.86 1.97
C SER B 228 28.64 6.04 1.67
N ALA B 229 29.34 4.93 1.44
CA ALA B 229 30.77 4.97 1.14
C ALA B 229 31.00 5.05 -0.37
N GLU B 230 30.42 5.96 -0.99
#